data_6WL6
#
_entry.id   6WL6
#
_cell.length_a   105.988
_cell.length_b   105.988
_cell.length_c   157.068
_cell.angle_alpha   90.00
_cell.angle_beta   90.00
_cell.angle_gamma   120.00
#
_symmetry.space_group_name_H-M   'P 32 2 1'
#
loop_
_entity.id
_entity.type
_entity.pdbx_description
1 polymer 'Deoxyhypusine synthase'
2 non-polymer 6-[(2R)-1-amino-4-methylpentan-2-yl]-3-(pyridin-3-yl)-5,6-dihydrothieno[2,3-c]pyridin-7(4H)-one
3 water water
#
_entity_poly.entity_id   1
_entity_poly.type   'polypeptide(L)'
_entity_poly.pdbx_seq_one_letter_code
;GGSMEGSLEREAPAGALAAVLKHSSTLPPESTQVRGYDFNRGVNYRALLEAFGTTGFQATNFGRAVQQVNAMIEKKLEPL
SQDEDQHADLTQSRRPLTSCTIFLGYTSNLISSGIRETIRYLVQHNMVDVLVTTAGGVEEDLIKCLAPTYLGEFSLRGKE
LRENGINRIGNLLVPNENYCKFEDWLMPILDQMVMEQNTEGVKWTPSKMIARLGKEINNPESVYYWAQKNHIPVFSPALT
DGSLGDMIFFHSYKNPGLVLDIVEDLRLINTQAIFAKCTGMIILGGGVVKHHIANANLMRNGADYAVYINTAQEFDGSDS
GARPDEAVSWGKIRVDAQPVKVYADASLVFPLLVAETFAQKMDAFMHEKNED
;
_entity_poly.pdbx_strand_id   A,B
#
# COMPACT_ATOMS: atom_id res chain seq x y z
N SER A 31 13.48 -6.52 38.10
CA SER A 31 13.80 -6.21 36.66
C SER A 31 14.90 -7.12 36.13
N THR A 32 15.10 -7.06 34.81
CA THR A 32 16.04 -7.92 34.11
C THR A 32 17.34 -7.19 33.82
N GLN A 33 18.46 -7.83 34.15
CA GLN A 33 19.77 -7.27 33.92
C GLN A 33 20.20 -7.47 32.46
N VAL A 34 20.87 -6.47 31.92
CA VAL A 34 21.43 -6.56 30.58
C VAL A 34 22.63 -7.48 30.62
N ARG A 35 22.63 -8.46 29.72
CA ARG A 35 23.66 -9.47 29.66
C ARG A 35 23.58 -10.14 28.30
N GLY A 36 24.66 -10.11 27.54
CA GLY A 36 24.71 -10.78 26.23
C GLY A 36 25.13 -12.23 26.36
N TYR A 37 24.88 -13.02 25.31
CA TYR A 37 25.35 -14.40 25.26
C TYR A 37 26.86 -14.45 25.44
N ASP A 38 27.32 -15.34 26.31
CA ASP A 38 28.74 -15.56 26.55
C ASP A 38 29.26 -16.76 25.77
N PHE A 39 30.04 -16.48 24.73
CA PHE A 39 30.58 -17.51 23.85
C PHE A 39 31.64 -18.41 24.49
N ASN A 40 32.02 -18.16 25.74
CA ASN A 40 32.80 -19.15 26.50
C ASN A 40 31.97 -20.43 26.76
N ARG A 41 30.66 -20.31 26.66
CA ARG A 41 29.78 -21.48 26.80
CA ARG A 41 29.74 -21.46 26.78
C ARG A 41 29.71 -22.31 25.50
N GLY A 42 30.41 -21.87 24.46
CA GLY A 42 30.38 -22.52 23.16
C GLY A 42 29.24 -21.98 22.29
N VAL A 43 29.09 -22.55 21.10
CA VAL A 43 28.02 -22.14 20.21
C VAL A 43 26.79 -23.00 20.44
N ASN A 44 26.03 -22.60 21.45
CA ASN A 44 24.75 -23.19 21.72
C ASN A 44 23.69 -22.28 21.14
N TYR A 45 23.20 -22.62 19.95
CA TYR A 45 22.37 -21.68 19.20
C TYR A 45 21.08 -21.30 19.90
N ARG A 46 20.43 -22.26 20.54
CA ARG A 46 19.18 -21.97 21.24
C ARG A 46 19.39 -21.02 22.41
N ALA A 47 20.47 -21.19 23.17
CA ALA A 47 20.78 -20.30 24.29
C ALA A 47 21.11 -18.92 23.75
N LEU A 48 21.90 -18.89 22.68
CA LEU A 48 22.25 -17.65 21.98
C LEU A 48 21.01 -16.85 21.58
N LEU A 49 20.05 -17.50 20.95
CA LEU A 49 18.81 -16.84 20.52
C LEU A 49 17.98 -16.36 21.68
N GLU A 50 17.91 -17.16 22.74
CA GLU A 50 17.22 -16.77 23.97
C GLU A 50 17.86 -15.53 24.60
N ALA A 51 19.19 -15.46 24.57
CA ALA A 51 19.93 -14.34 25.17
C ALA A 51 19.77 -13.04 24.41
N PHE A 52 19.19 -13.05 23.21
CA PHE A 52 18.83 -11.77 22.58
C PHE A 52 17.92 -10.95 23.49
N GLY A 53 17.08 -11.64 24.29
CA GLY A 53 16.09 -10.99 25.14
C GLY A 53 16.69 -10.05 26.16
N THR A 54 17.87 -10.41 26.66
CA THR A 54 18.58 -9.59 27.62
C THR A 54 19.76 -8.79 27.03
N THR A 55 19.85 -8.74 25.70
CA THR A 55 20.98 -8.10 25.04
C THR A 55 20.72 -6.61 24.84
N GLY A 56 19.46 -6.23 24.65
CA GLY A 56 19.09 -4.82 24.55
C GLY A 56 18.76 -4.42 23.13
N PHE A 57 18.28 -3.19 22.98
CA PHE A 57 17.91 -2.61 21.69
C PHE A 57 17.02 -3.58 20.89
N GLN A 58 17.28 -3.80 19.60
CA GLN A 58 16.38 -4.63 18.80
C GLN A 58 16.53 -6.11 19.08
N ALA A 59 17.65 -6.55 19.65
CA ALA A 59 17.75 -7.94 20.12
C ALA A 59 16.68 -8.23 21.17
N THR A 60 16.52 -7.31 22.12
CA THR A 60 15.45 -7.46 23.13
C THR A 60 14.07 -7.50 22.45
N ASN A 61 13.85 -6.66 21.45
CA ASN A 61 12.58 -6.70 20.76
C ASN A 61 12.38 -8.02 20.04
N PHE A 62 13.47 -8.60 19.51
CA PHE A 62 13.37 -9.93 18.88
C PHE A 62 12.92 -10.94 19.92
N GLY A 63 13.53 -10.90 21.09
CA GLY A 63 13.10 -11.75 22.22
C GLY A 63 11.62 -11.60 22.54
N ARG A 64 11.15 -10.36 22.64
CA ARG A 64 9.73 -10.11 22.89
C ARG A 64 8.85 -10.63 21.74
N ALA A 65 9.35 -10.57 20.51
CA ALA A 65 8.60 -11.04 19.35
C ALA A 65 8.40 -12.55 19.41
N VAL A 66 9.44 -13.25 19.84
CA VAL A 66 9.42 -14.71 20.02
C VAL A 66 8.34 -15.08 21.03
N GLN A 67 8.29 -14.36 22.16
CA GLN A 67 7.29 -14.63 23.20
C GLN A 67 5.87 -14.36 22.69
N GLN A 68 5.73 -13.29 21.93
CA GLN A 68 4.41 -12.91 21.42
C GLN A 68 3.87 -13.95 20.41
N VAL A 69 4.72 -14.40 19.49
CA VAL A 69 4.34 -15.41 18.52
C VAL A 69 4.11 -16.78 19.18
N ASN A 70 4.93 -17.17 20.17
CA ASN A 70 4.66 -18.39 20.94
C ASN A 70 3.33 -18.33 21.70
N ALA A 71 3.00 -17.16 22.23
CA ALA A 71 1.67 -16.96 22.81
C ALA A 71 0.54 -17.14 21.78
N MET A 72 0.70 -16.67 20.54
CA MET A 72 -0.32 -16.87 19.51
C MET A 72 -0.50 -18.34 19.19
N ILE A 73 0.64 -19.03 19.07
CA ILE A 73 0.64 -20.45 18.72
C ILE A 73 0.01 -21.29 19.83
N GLU A 74 0.44 -21.02 21.06
CA GLU A 74 -0.13 -21.69 22.24
C GLU A 74 -1.64 -21.49 22.30
N LYS A 75 -2.08 -20.26 22.07
CA LYS A 75 -3.51 -19.97 22.06
C LYS A 75 -4.18 -20.76 20.95
N LYS A 76 -3.56 -20.78 19.77
CA LYS A 76 -4.11 -21.45 18.59
C LYS A 76 -4.26 -22.97 18.76
N LEU A 77 -3.34 -23.61 19.47
CA LEU A 77 -3.37 -25.06 19.65
C LEU A 77 -4.30 -25.47 20.80
N GLU A 78 -4.81 -24.47 21.50
CA GLU A 78 -5.72 -24.69 22.62
C GLU A 78 -7.11 -25.01 22.04
N PRO A 79 -7.70 -26.15 22.45
CA PRO A 79 -9.00 -26.49 21.85
C PRO A 79 -10.08 -25.45 22.15
N LEU A 80 -11.01 -25.27 21.22
CA LEU A 80 -12.18 -24.43 21.47
C LEU A 80 -13.00 -25.08 22.57
N SER A 81 -13.38 -24.30 23.58
CA SER A 81 -14.24 -24.81 24.65
C SER A 81 -15.62 -25.05 24.06
N GLN A 82 -16.46 -25.80 24.78
CA GLN A 82 -17.80 -26.13 24.27
C GLN A 82 -18.65 -24.90 23.92
N ASP A 83 -18.46 -23.79 24.64
CA ASP A 83 -19.21 -22.55 24.41
C ASP A 83 -18.75 -21.75 23.19
N GLU A 84 -17.49 -21.90 22.80
CA GLU A 84 -16.85 -20.98 21.86
C GLU A 84 -16.99 -21.37 20.39
N ASP A 85 -17.75 -22.42 20.08
CA ASP A 85 -17.75 -22.99 18.72
C ASP A 85 -18.36 -22.09 17.63
N GLN A 86 -17.94 -22.35 16.38
CA GLN A 86 -18.35 -21.58 15.19
C GLN A 86 -19.60 -22.18 14.53
N ARG A 94 -15.03 -21.76 4.54
CA ARG A 94 -14.63 -23.16 4.41
C ARG A 94 -13.65 -23.59 5.51
N ARG A 95 -12.71 -22.71 5.84
CA ARG A 95 -11.68 -22.98 6.86
C ARG A 95 -12.22 -22.99 8.30
N PRO A 96 -12.01 -24.09 9.04
CA PRO A 96 -12.49 -24.13 10.42
C PRO A 96 -11.78 -23.16 11.37
N LEU A 97 -12.57 -22.56 12.25
CA LEU A 97 -12.10 -21.60 13.23
C LEU A 97 -11.29 -22.30 14.32
N THR A 98 -10.19 -21.68 14.74
CA THR A 98 -9.38 -22.13 15.88
C THR A 98 -9.45 -21.10 17.01
N SER A 99 -8.79 -21.41 18.13
CA SER A 99 -8.73 -20.48 19.25
C SER A 99 -7.92 -19.21 18.95
N CYS A 100 -7.13 -19.17 17.88
CA CYS A 100 -6.47 -17.91 17.47
C CYS A 100 -6.31 -17.80 15.97
N THR A 101 -6.90 -16.77 15.38
CA THR A 101 -6.80 -16.52 13.96
C THR A 101 -5.60 -15.64 13.72
N ILE A 102 -4.65 -16.13 12.92
CA ILE A 102 -3.40 -15.43 12.70
C ILE A 102 -3.34 -14.88 11.30
N PHE A 103 -3.16 -13.56 11.21
CA PHE A 103 -3.01 -12.84 9.95
C PHE A 103 -1.53 -12.60 9.68
N LEU A 104 -1.08 -13.06 8.52
CA LEU A 104 0.28 -12.86 8.08
C LEU A 104 0.28 -11.89 6.89
N GLY A 105 0.87 -10.71 7.12
CA GLY A 105 0.98 -9.70 6.09
C GLY A 105 2.42 -9.45 5.73
N TYR A 106 2.65 -9.12 4.46
CA TYR A 106 4.00 -8.91 3.96
C TYR A 106 3.96 -8.14 2.67
N THR A 107 4.99 -7.33 2.47
CA THR A 107 5.17 -6.56 1.27
C THR A 107 5.78 -7.44 0.19
N SER A 108 5.61 -7.03 -1.06
N SER A 108 5.61 -7.03 -1.06
CA SER A 108 6.02 -7.82 -2.23
CA SER A 108 6.02 -7.80 -2.22
C SER A 108 7.52 -8.13 -2.24
C SER A 108 7.51 -8.13 -2.23
N ASN A 109 8.32 -7.19 -1.78
CA ASN A 109 9.76 -7.40 -1.71
C ASN A 109 10.19 -8.67 -0.96
N LEU A 110 9.46 -9.07 0.08
CA LEU A 110 9.79 -10.26 0.83
C LEU A 110 9.50 -11.53 0.04
N ILE A 111 8.52 -11.47 -0.87
CA ILE A 111 8.25 -12.57 -1.76
C ILE A 111 9.32 -12.70 -2.84
N SER A 112 9.92 -11.58 -3.24
CA SER A 112 11.10 -11.64 -4.13
C SER A 112 12.31 -12.24 -3.42
N SER A 113 12.42 -11.99 -2.12
CA SER A 113 13.53 -12.49 -1.30
C SER A 113 13.31 -13.96 -0.99
N GLY A 114 14.26 -14.57 -0.29
CA GLY A 114 14.12 -15.96 0.14
C GLY A 114 13.12 -16.16 1.26
N ILE A 115 12.60 -15.06 1.82
CA ILE A 115 11.55 -15.16 2.81
C ILE A 115 10.28 -15.76 2.21
N ARG A 116 10.19 -15.75 0.89
CA ARG A 116 9.16 -16.52 0.19
C ARG A 116 9.11 -17.99 0.64
N GLU A 117 10.26 -18.59 0.88
CA GLU A 117 10.31 -19.98 1.37
C GLU A 117 9.76 -20.08 2.80
N THR A 118 10.09 -19.09 3.62
CA THR A 118 9.62 -19.04 4.99
C THR A 118 8.10 -18.95 5.07
N ILE A 119 7.54 -18.03 4.30
CA ILE A 119 6.09 -17.80 4.25
C ILE A 119 5.41 -19.06 3.72
N ARG A 120 5.98 -19.64 2.66
CA ARG A 120 5.41 -20.83 2.06
C ARG A 120 5.34 -21.99 3.05
N TYR A 121 6.40 -22.18 3.83
CA TYR A 121 6.42 -23.21 4.87
C TYR A 121 5.26 -23.05 5.85
N LEU A 122 5.05 -21.85 6.35
CA LEU A 122 3.94 -21.57 7.28
C LEU A 122 2.56 -21.85 6.68
N VAL A 123 2.39 -21.45 5.43
CA VAL A 123 1.12 -21.64 4.71
C VAL A 123 0.89 -23.14 4.45
N GLN A 124 1.94 -23.81 3.97
CA GLN A 124 1.93 -25.25 3.70
C GLN A 124 1.40 -26.07 4.89
N HIS A 125 1.86 -25.72 6.09
CA HIS A 125 1.45 -26.47 7.27
C HIS A 125 0.35 -25.80 8.08
N ASN A 126 -0.40 -24.89 7.46
CA ASN A 126 -1.60 -24.35 8.13
C ASN A 126 -1.34 -23.63 9.43
N MET A 127 -0.19 -22.99 9.53
CA MET A 127 0.19 -22.33 10.75
C MET A 127 -0.38 -20.91 10.83
N VAL A 128 -0.85 -20.36 9.70
CA VAL A 128 -1.52 -19.08 9.65
C VAL A 128 -2.86 -19.24 8.93
N ASP A 129 -3.75 -18.26 9.10
CA ASP A 129 -5.13 -18.37 8.61
C ASP A 129 -5.50 -17.40 7.48
N VAL A 130 -4.80 -16.28 7.38
CA VAL A 130 -5.12 -15.28 6.37
C VAL A 130 -3.82 -14.63 5.94
N LEU A 131 -3.66 -14.41 4.64
CA LEU A 131 -2.54 -13.68 4.09
C LEU A 131 -3.01 -12.34 3.54
N VAL A 132 -2.19 -11.32 3.74
CA VAL A 132 -2.42 -10.02 3.15
C VAL A 132 -1.13 -9.55 2.51
N THR A 133 -1.20 -8.98 1.31
CA THR A 133 0.02 -8.53 0.68
C THR A 133 -0.21 -7.27 -0.13
N THR A 134 0.82 -6.78 -0.81
CA THR A 134 0.83 -5.49 -1.53
C THR A 134 1.11 -5.75 -3.00
N ALA A 135 1.12 -4.70 -3.80
CA ALA A 135 1.32 -4.82 -5.24
C ALA A 135 2.56 -5.62 -5.58
N GLY A 136 2.43 -6.68 -6.38
CA GLY A 136 3.58 -7.52 -6.76
C GLY A 136 3.73 -8.80 -5.94
N GLY A 137 3.13 -8.82 -4.76
CA GLY A 137 3.32 -9.92 -3.81
C GLY A 137 2.76 -11.27 -4.23
N VAL A 138 1.86 -11.26 -5.22
CA VAL A 138 1.32 -12.49 -5.81
C VAL A 138 2.18 -12.98 -6.97
N GLU A 139 2.33 -12.16 -8.00
CA GLU A 139 3.02 -12.61 -9.20
C GLU A 139 4.47 -12.99 -8.95
N GLU A 140 5.14 -12.32 -8.01
CA GLU A 140 6.55 -12.61 -7.74
C GLU A 140 6.74 -14.04 -7.23
N ASP A 141 5.74 -14.57 -6.52
CA ASP A 141 5.75 -15.96 -6.08
C ASP A 141 5.53 -16.90 -7.26
N LEU A 142 4.57 -16.55 -8.10
CA LEU A 142 4.17 -17.40 -9.23
C LEU A 142 5.30 -17.49 -10.24
N ILE A 143 5.92 -16.34 -10.50
CA ILE A 143 7.01 -16.25 -11.48
C ILE A 143 8.22 -17.13 -11.11
N LYS A 144 8.48 -17.29 -9.81
CA LYS A 144 9.58 -18.15 -9.34
C LYS A 144 9.38 -19.63 -9.64
N CYS A 145 8.16 -20.05 -9.89
CA CYS A 145 7.89 -21.42 -10.31
C CYS A 145 8.22 -21.63 -11.79
N LEU A 146 8.35 -20.54 -12.54
CA LEU A 146 8.65 -20.60 -13.97
C LEU A 146 10.13 -20.31 -14.27
N ALA A 147 10.74 -19.42 -13.49
CA ALA A 147 12.14 -19.03 -13.68
C ALA A 147 12.67 -18.43 -12.39
N PRO A 148 13.96 -18.65 -12.09
CA PRO A 148 14.53 -18.15 -10.83
C PRO A 148 14.84 -16.64 -10.78
N THR A 149 14.83 -16.10 -9.57
CA THR A 149 15.32 -14.76 -9.25
C THR A 149 16.79 -14.90 -8.83
N TYR A 150 17.61 -13.91 -9.14
CA TYR A 150 19.05 -13.98 -8.87
C TYR A 150 19.55 -12.91 -7.91
N LEU A 151 20.73 -13.15 -7.32
CA LEU A 151 21.41 -12.13 -6.51
C LEU A 151 22.28 -11.24 -7.38
N GLY A 152 22.09 -9.93 -7.27
CA GLY A 152 23.00 -8.93 -7.85
C GLY A 152 23.70 -8.14 -6.75
N GLU A 153 23.62 -6.82 -6.81
CA GLU A 153 24.15 -5.92 -5.75
C GLU A 153 23.29 -4.65 -5.65
N PHE A 154 23.32 -3.99 -4.49
CA PHE A 154 22.66 -2.69 -4.32
C PHE A 154 23.45 -1.65 -5.13
N GLY A 165 17.80 -6.26 -19.98
CA GLY A 165 16.44 -6.43 -19.51
C GLY A 165 16.41 -7.07 -18.13
N ILE A 166 16.44 -6.24 -17.10
CA ILE A 166 16.58 -6.67 -15.70
C ILE A 166 15.73 -5.76 -14.80
N ASN A 167 14.93 -6.36 -13.92
CA ASN A 167 14.20 -5.62 -12.90
C ASN A 167 14.91 -5.78 -11.55
N ARG A 168 15.66 -4.76 -11.15
CA ARG A 168 16.38 -4.76 -9.86
C ARG A 168 15.40 -4.49 -8.73
N ILE A 169 15.45 -5.34 -7.71
CA ILE A 169 14.71 -5.11 -6.46
C ILE A 169 15.73 -5.24 -5.33
N GLY A 170 16.15 -4.10 -4.78
CA GLY A 170 17.27 -4.06 -3.84
C GLY A 170 18.49 -4.68 -4.49
N ASN A 171 19.02 -5.75 -3.89
CA ASN A 171 20.13 -6.50 -4.46
C ASN A 171 19.70 -7.78 -5.21
N LEU A 172 18.42 -7.88 -5.55
CA LEU A 172 17.88 -9.00 -6.33
C LEU A 172 17.67 -8.61 -7.79
N LEU A 173 17.74 -9.61 -8.67
CA LEU A 173 17.56 -9.42 -10.11
C LEU A 173 16.52 -10.36 -10.68
N VAL A 174 15.47 -9.79 -11.25
CA VAL A 174 14.50 -10.57 -12.03
C VAL A 174 14.66 -10.26 -13.54
N PRO A 175 15.22 -11.21 -14.31
CA PRO A 175 15.27 -11.01 -15.77
C PRO A 175 13.88 -10.76 -16.36
N ASN A 176 13.79 -9.88 -17.35
CA ASN A 176 12.53 -9.57 -18.02
C ASN A 176 11.86 -10.78 -18.66
N GLU A 177 12.66 -11.74 -19.12
CA GLU A 177 12.13 -12.98 -19.69
C GLU A 177 11.24 -13.75 -18.69
N ASN A 178 11.52 -13.62 -17.40
CA ASN A 178 10.63 -14.18 -16.37
C ASN A 178 9.19 -13.68 -16.54
N TYR A 179 9.03 -12.37 -16.72
CA TYR A 179 7.69 -11.78 -16.88
C TYR A 179 7.02 -12.17 -18.21
N CYS A 180 7.81 -12.38 -19.26
CA CYS A 180 7.29 -12.86 -20.54
C CYS A 180 6.74 -14.29 -20.40
N LYS A 181 7.52 -15.16 -19.77
CA LYS A 181 7.04 -16.51 -19.45
C LYS A 181 5.73 -16.47 -18.65
N PHE A 182 5.67 -15.55 -17.68
CA PHE A 182 4.48 -15.42 -16.85
C PHE A 182 3.25 -15.01 -17.65
N GLU A 183 3.42 -14.05 -18.54
CA GLU A 183 2.39 -13.60 -19.48
C GLU A 183 1.78 -14.78 -20.25
N ASP A 184 2.65 -15.59 -20.86
CA ASP A 184 2.23 -16.77 -21.63
C ASP A 184 1.41 -17.74 -20.78
N TRP A 185 1.91 -18.04 -19.59
CA TRP A 185 1.19 -18.90 -18.65
C TRP A 185 -0.18 -18.30 -18.24
N LEU A 186 -0.23 -16.98 -18.07
CA LEU A 186 -1.40 -16.31 -17.50
C LEU A 186 -2.58 -16.14 -18.46
N MET A 187 -2.31 -15.85 -19.73
CA MET A 187 -3.36 -15.44 -20.67
C MET A 187 -4.48 -16.46 -20.80
N PRO A 188 -4.13 -17.75 -20.99
CA PRO A 188 -5.21 -18.75 -21.09
C PRO A 188 -6.05 -18.84 -19.82
N ILE A 189 -5.42 -18.65 -18.66
CA ILE A 189 -6.14 -18.64 -17.39
C ILE A 189 -7.15 -17.49 -17.33
N LEU A 190 -6.73 -16.32 -17.78
CA LEU A 190 -7.61 -15.15 -17.80
C LEU A 190 -8.80 -15.34 -18.77
N ASP A 191 -8.58 -16.05 -19.87
CA ASP A 191 -9.65 -16.38 -20.81
C ASP A 191 -10.69 -17.28 -20.14
N GLN A 192 -10.20 -18.30 -19.43
CA GLN A 192 -11.08 -19.17 -18.64
C GLN A 192 -11.86 -18.38 -17.61
N MET A 193 -11.21 -17.42 -16.94
CA MET A 193 -11.86 -16.66 -15.86
C MET A 193 -13.02 -15.79 -16.36
N VAL A 194 -12.79 -15.10 -17.48
CA VAL A 194 -13.82 -14.28 -18.10
C VAL A 194 -15.00 -15.13 -18.60
N MET A 195 -14.69 -16.28 -19.19
CA MET A 195 -15.73 -17.22 -19.63
C MET A 195 -16.60 -17.68 -18.45
N GLU A 196 -15.95 -18.07 -17.36
CA GLU A 196 -16.66 -18.49 -16.14
C GLU A 196 -17.49 -17.36 -15.54
N GLN A 197 -17.00 -16.12 -15.65
CA GLN A 197 -17.76 -14.98 -15.18
C GLN A 197 -19.05 -14.84 -16.01
N ASN A 198 -18.90 -14.86 -17.32
CA ASN A 198 -20.01 -14.63 -18.23
C ASN A 198 -20.96 -15.80 -18.42
N THR A 199 -20.48 -17.03 -18.33
CA THR A 199 -21.34 -18.21 -18.55
C THR A 199 -21.65 -19.04 -17.30
N GLU A 200 -20.98 -18.77 -16.18
CA GLU A 200 -21.26 -19.52 -14.94
C GLU A 200 -21.58 -18.63 -13.74
N GLY A 201 -21.67 -17.32 -13.96
CA GLY A 201 -22.00 -16.39 -12.89
C GLY A 201 -20.96 -16.27 -11.78
N VAL A 202 -19.71 -16.59 -12.09
CA VAL A 202 -18.62 -16.43 -11.11
C VAL A 202 -18.38 -14.94 -10.88
N LYS A 203 -18.40 -14.53 -9.61
CA LYS A 203 -18.15 -13.14 -9.24
C LYS A 203 -16.73 -13.00 -8.67
N TRP A 204 -15.80 -12.55 -9.51
CA TRP A 204 -14.40 -12.57 -9.15
C TRP A 204 -14.05 -11.44 -8.19
N THR A 205 -13.11 -11.73 -7.29
CA THR A 205 -12.50 -10.79 -6.39
C THR A 205 -11.00 -11.07 -6.43
N PRO A 206 -10.18 -10.12 -5.94
CA PRO A 206 -8.75 -10.44 -5.85
C PRO A 206 -8.48 -11.77 -5.13
N SER A 207 -9.12 -12.04 -3.99
CA SER A 207 -8.81 -13.31 -3.26
C SER A 207 -9.14 -14.55 -4.07
N LYS A 208 -10.26 -14.53 -4.81
CA LYS A 208 -10.67 -15.67 -5.59
C LYS A 208 -9.73 -15.84 -6.78
N MET A 209 -9.32 -14.73 -7.39
CA MET A 209 -8.33 -14.79 -8.44
C MET A 209 -7.01 -15.39 -7.91
N ILE A 210 -6.55 -14.93 -6.75
CA ILE A 210 -5.28 -15.41 -6.21
C ILE A 210 -5.38 -16.93 -5.96
N ALA A 211 -6.48 -17.38 -5.37
CA ALA A 211 -6.69 -18.81 -5.19
C ALA A 211 -6.60 -19.56 -6.52
N ARG A 212 -7.22 -19.02 -7.56
CA ARG A 212 -7.20 -19.66 -8.86
C ARG A 212 -5.79 -19.77 -9.42
N LEU A 213 -5.02 -18.68 -9.33
CA LEU A 213 -3.63 -18.70 -9.81
C LEU A 213 -2.77 -19.72 -9.04
N GLY A 214 -3.01 -19.84 -7.73
CA GLY A 214 -2.34 -20.84 -6.93
C GLY A 214 -2.66 -22.26 -7.34
N LYS A 215 -3.93 -22.52 -7.65
CA LYS A 215 -4.34 -23.84 -8.15
C LYS A 215 -3.67 -24.15 -9.50
N GLU A 216 -3.64 -23.15 -10.39
CA GLU A 216 -3.07 -23.32 -11.71
C GLU A 216 -1.58 -23.56 -11.70
N ILE A 217 -0.84 -22.86 -10.84
CA ILE A 217 0.61 -23.01 -10.80
C ILE A 217 1.00 -24.42 -10.35
N ASN A 218 0.14 -25.03 -9.52
CA ASN A 218 0.22 -26.45 -9.20
C ASN A 218 1.65 -26.92 -8.85
N ASN A 219 2.28 -26.19 -7.94
CA ASN A 219 3.68 -26.36 -7.62
C ASN A 219 3.92 -26.15 -6.11
N PRO A 220 4.50 -27.17 -5.44
CA PRO A 220 4.65 -27.09 -3.98
C PRO A 220 5.66 -26.05 -3.46
N GLU A 221 6.34 -25.34 -4.34
CA GLU A 221 7.22 -24.27 -3.91
C GLU A 221 6.47 -22.93 -3.80
N SER A 222 5.23 -22.91 -4.27
CA SER A 222 4.45 -21.67 -4.33
C SER A 222 3.66 -21.42 -3.06
N VAL A 223 3.79 -20.23 -2.51
CA VAL A 223 2.97 -19.78 -1.39
C VAL A 223 1.47 -19.90 -1.72
N TYR A 224 1.08 -19.44 -2.91
CA TYR A 224 -0.33 -19.37 -3.27
C TYR A 224 -0.93 -20.72 -3.65
N TYR A 225 -0.09 -21.66 -4.07
CA TYR A 225 -0.56 -23.03 -4.26
C TYR A 225 -1.01 -23.60 -2.92
N TRP A 226 -0.18 -23.44 -1.90
CA TRP A 226 -0.51 -23.94 -0.57
C TRP A 226 -1.67 -23.19 0.06
N ALA A 227 -1.71 -21.87 -0.13
CA ALA A 227 -2.80 -21.08 0.45
C ALA A 227 -4.18 -21.60 -0.04
N GLN A 228 -4.33 -21.78 -1.35
CA GLN A 228 -5.62 -22.28 -1.87
C GLN A 228 -5.87 -23.72 -1.48
N LYS A 229 -4.83 -24.54 -1.44
CA LYS A 229 -5.01 -25.96 -1.08
C LYS A 229 -5.51 -26.09 0.36
N ASN A 230 -5.05 -25.20 1.22
CA ASN A 230 -5.38 -25.21 2.64
C ASN A 230 -6.48 -24.24 3.01
N HIS A 231 -7.11 -23.62 2.01
CA HIS A 231 -8.21 -22.68 2.22
C HIS A 231 -7.78 -21.49 3.08
N ILE A 232 -6.61 -20.96 2.79
CA ILE A 232 -6.13 -19.76 3.44
C ILE A 232 -6.35 -18.65 2.43
N PRO A 233 -7.26 -17.71 2.72
CA PRO A 233 -7.54 -16.64 1.80
C PRO A 233 -6.40 -15.61 1.76
N VAL A 234 -6.21 -15.03 0.58
CA VAL A 234 -5.20 -14.02 0.33
C VAL A 234 -5.88 -12.77 -0.16
N PHE A 235 -5.65 -11.65 0.53
CA PHE A 235 -6.27 -10.39 0.22
C PHE A 235 -5.21 -9.45 -0.30
N SER A 236 -5.53 -8.73 -1.37
CA SER A 236 -4.60 -7.84 -2.01
C SER A 236 -5.34 -6.94 -2.99
N PRO A 237 -5.92 -5.84 -2.49
CA PRO A 237 -6.63 -4.89 -3.36
C PRO A 237 -5.71 -4.23 -4.39
N ALA A 238 -4.43 -4.12 -4.04
CA ALA A 238 -3.41 -3.63 -4.95
C ALA A 238 -2.85 -4.71 -5.89
N LEU A 239 -3.58 -5.81 -6.05
CA LEU A 239 -3.18 -6.92 -6.93
C LEU A 239 -2.78 -6.53 -8.36
N THR A 240 -3.46 -5.52 -8.92
CA THR A 240 -3.24 -5.13 -10.32
C THR A 240 -2.37 -3.90 -10.50
N ASP A 241 -1.69 -3.46 -9.45
CA ASP A 241 -0.93 -2.21 -9.53
C ASP A 241 0.36 -2.38 -10.31
N GLY A 242 0.87 -3.61 -10.35
CA GLY A 242 2.15 -3.91 -10.99
C GLY A 242 2.02 -4.76 -12.24
N SER A 243 2.96 -5.69 -12.41
CA SER A 243 3.10 -6.45 -13.65
C SER A 243 1.92 -7.33 -13.97
N LEU A 244 1.43 -8.04 -12.96
CA LEU A 244 0.20 -8.80 -13.14
C LEU A 244 -0.91 -7.88 -13.67
N GLY A 245 -1.00 -6.67 -13.11
CA GLY A 245 -2.01 -5.70 -13.57
C GLY A 245 -1.79 -5.25 -15.01
N ASP A 246 -0.53 -5.07 -15.39
CA ASP A 246 -0.21 -4.74 -16.78
C ASP A 246 -0.75 -5.82 -17.71
N MET A 247 -0.60 -7.09 -17.34
CA MET A 247 -1.06 -8.19 -18.19
C MET A 247 -2.59 -8.30 -18.24
N ILE A 248 -3.24 -8.10 -17.10
CA ILE A 248 -4.68 -8.06 -17.04
C ILE A 248 -5.19 -6.92 -17.93
N PHE A 249 -4.47 -5.80 -17.91
CA PHE A 249 -4.83 -4.63 -18.68
C PHE A 249 -4.80 -4.94 -20.17
N PHE A 250 -3.69 -5.48 -20.67
CA PHE A 250 -3.59 -5.79 -22.11
C PHE A 250 -4.59 -6.89 -22.51
N HIS A 251 -4.73 -7.89 -21.65
CA HIS A 251 -5.72 -8.95 -21.87
C HIS A 251 -7.13 -8.42 -22.06
N SER A 252 -7.47 -7.37 -21.33
CA SER A 252 -8.84 -6.83 -21.33
C SER A 252 -9.26 -6.21 -22.67
N TYR A 253 -8.31 -5.93 -23.56
CA TYR A 253 -8.66 -5.43 -24.88
C TYR A 253 -8.93 -6.54 -25.89
N LYS A 254 -8.29 -7.70 -25.71
CA LYS A 254 -8.64 -8.89 -26.51
C LYS A 254 -9.94 -9.53 -26.02
N ASN A 255 -10.18 -9.46 -24.71
CA ASN A 255 -11.26 -10.20 -24.08
C ASN A 255 -11.81 -9.41 -22.89
N PRO A 256 -12.61 -8.36 -23.18
CA PRO A 256 -13.02 -7.41 -22.14
C PRO A 256 -14.06 -7.90 -21.14
N GLY A 257 -14.16 -7.20 -20.02
CA GLY A 257 -15.26 -7.36 -19.09
C GLY A 257 -14.96 -8.02 -17.76
N LEU A 258 -13.71 -8.44 -17.53
CA LEU A 258 -13.38 -9.04 -16.22
C LEU A 258 -13.68 -8.02 -15.14
N VAL A 259 -14.42 -8.43 -14.11
CA VAL A 259 -14.66 -7.58 -12.94
C VAL A 259 -13.96 -8.18 -11.73
N LEU A 260 -13.18 -7.35 -11.02
CA LEU A 260 -12.61 -7.75 -9.73
C LEU A 260 -13.20 -6.85 -8.66
N ASP A 261 -14.12 -7.40 -7.89
CA ASP A 261 -14.78 -6.65 -6.82
C ASP A 261 -13.93 -6.68 -5.55
N ILE A 262 -13.71 -5.53 -4.92
CA ILE A 262 -13.02 -5.49 -3.65
C ILE A 262 -13.99 -5.51 -2.45
N VAL A 263 -15.27 -5.23 -2.68
CA VAL A 263 -16.23 -5.14 -1.58
C VAL A 263 -16.54 -6.51 -0.96
N GLU A 264 -16.69 -7.55 -1.77
CA GLU A 264 -16.88 -8.88 -1.23
CA GLU A 264 -16.86 -8.90 -1.26
C GLU A 264 -15.62 -9.30 -0.45
N ASP A 265 -14.45 -8.93 -0.95
CA ASP A 265 -13.21 -9.19 -0.17
C ASP A 265 -13.19 -8.38 1.14
N LEU A 266 -13.63 -7.14 1.08
CA LEU A 266 -13.75 -6.31 2.27
C LEU A 266 -14.55 -7.05 3.34
N ARG A 267 -15.70 -7.62 2.94
CA ARG A 267 -16.55 -8.36 3.88
CA ARG A 267 -16.55 -8.38 3.86
C ARG A 267 -15.81 -9.59 4.42
N LEU A 268 -15.18 -10.34 3.53
CA LEU A 268 -14.48 -11.56 3.90
C LEU A 268 -13.35 -11.32 4.91
N ILE A 269 -12.46 -10.37 4.65
CA ILE A 269 -11.35 -10.14 5.56
C ILE A 269 -11.83 -9.62 6.94
N ASN A 270 -12.79 -8.70 6.94
CA ASN A 270 -13.29 -8.16 8.20
C ASN A 270 -14.06 -9.20 9.01
N THR A 271 -14.78 -10.10 8.34
CA THR A 271 -15.49 -11.15 9.08
CA THR A 271 -15.50 -11.20 9.01
C THR A 271 -14.51 -12.12 9.75
N GLN A 272 -13.39 -12.39 9.10
CA GLN A 272 -12.33 -13.19 9.70
C GLN A 272 -11.86 -12.56 11.02
N ALA A 273 -11.67 -11.24 11.01
CA ALA A 273 -11.27 -10.52 12.21
C ALA A 273 -12.35 -10.50 13.26
N ILE A 274 -13.59 -10.25 12.85
CA ILE A 274 -14.69 -10.09 13.79
C ILE A 274 -15.05 -11.40 14.48
N PHE A 275 -15.04 -12.51 13.76
CA PHE A 275 -15.44 -13.78 14.35
C PHE A 275 -14.31 -14.52 15.02
N ALA A 276 -13.10 -13.97 15.01
CA ALA A 276 -11.99 -14.61 15.70
C ALA A 276 -12.24 -14.70 17.22
N LYS A 277 -11.88 -15.81 17.84
CA LYS A 277 -11.86 -15.88 19.31
C LYS A 277 -10.72 -14.99 19.83
N CYS A 278 -9.59 -15.12 19.16
CA CYS A 278 -8.39 -14.31 19.45
CA CYS A 278 -8.39 -14.36 19.46
C CYS A 278 -7.74 -14.02 18.12
N THR A 279 -7.03 -12.91 18.05
CA THR A 279 -6.36 -12.53 16.81
CA THR A 279 -6.38 -12.49 16.82
C THR A 279 -4.88 -12.28 17.03
N GLY A 280 -4.09 -12.83 16.12
CA GLY A 280 -2.64 -12.61 16.10
C GLY A 280 -2.28 -11.95 14.77
N MET A 281 -1.43 -10.94 14.81
CA MET A 281 -0.94 -10.26 13.59
C MET A 281 0.57 -10.42 13.48
N ILE A 282 1.03 -10.83 12.32
CA ILE A 282 2.44 -10.81 12.02
C ILE A 282 2.58 -10.07 10.69
N ILE A 283 3.13 -8.87 10.76
CA ILE A 283 3.19 -8.00 9.61
C ILE A 283 4.64 -7.68 9.27
N LEU A 284 5.06 -8.05 8.06
CA LEU A 284 6.42 -7.80 7.57
C LEU A 284 6.46 -6.68 6.51
N GLY A 285 7.37 -5.73 6.70
CA GLY A 285 7.41 -4.50 5.89
C GLY A 285 6.28 -3.57 6.32
N GLY A 286 6.27 -2.34 5.82
CA GLY A 286 5.21 -1.40 6.16
C GLY A 286 4.15 -1.30 5.08
N GLY A 287 3.05 -0.61 5.40
CA GLY A 287 2.01 -0.30 4.42
C GLY A 287 1.10 -1.45 4.04
N VAL A 288 1.03 -2.49 4.89
CA VAL A 288 0.30 -3.71 4.56
C VAL A 288 -1.15 -3.69 5.08
N VAL A 289 -1.34 -3.49 6.38
CA VAL A 289 -2.68 -3.41 6.94
C VAL A 289 -2.95 -2.03 7.57
N LYS A 290 -4.24 -1.73 7.80
CA LYS A 290 -4.68 -0.59 8.61
C LYS A 290 -5.61 -1.06 9.73
N GLY A 302 -9.69 -5.96 18.33
CA GLY A 302 -8.33 -5.49 18.55
C GLY A 302 -7.39 -6.67 18.56
N ALA A 303 -6.16 -6.48 18.06
CA ALA A 303 -5.22 -7.60 17.95
C ALA A 303 -4.76 -8.01 19.35
N ASP A 304 -5.01 -9.25 19.72
CA ASP A 304 -4.57 -9.74 21.04
C ASP A 304 -3.07 -9.95 21.08
N TYR A 305 -2.49 -10.35 19.95
CA TYR A 305 -1.04 -10.50 19.82
C TYR A 305 -0.62 -9.90 18.47
N ALA A 306 0.54 -9.27 18.44
CA ALA A 306 0.99 -8.56 17.24
C ALA A 306 2.50 -8.37 17.25
N VAL A 307 3.12 -8.68 16.11
CA VAL A 307 4.53 -8.44 15.88
C VAL A 307 4.65 -7.76 14.52
N TYR A 308 5.37 -6.64 14.48
CA TYR A 308 5.69 -5.93 13.26
C TYR A 308 7.22 -5.92 13.09
N ILE A 309 7.66 -6.23 11.88
CA ILE A 309 9.06 -6.25 11.55
C ILE A 309 9.21 -5.40 10.32
N ASN A 310 9.85 -4.23 10.48
CA ASN A 310 10.11 -3.34 9.36
C ASN A 310 11.17 -2.33 9.72
N THR A 311 11.61 -1.56 8.75
CA THR A 311 12.55 -0.46 8.96
C THR A 311 11.90 0.91 8.73
N ALA A 312 10.58 1.00 8.81
CA ALA A 312 9.89 2.29 8.64
C ALA A 312 10.10 3.15 9.89
N GLN A 313 10.23 4.46 9.70
CA GLN A 313 10.28 5.41 10.81
C GLN A 313 8.89 5.96 11.14
N GLU A 314 8.76 6.45 12.36
CA GLU A 314 7.55 7.13 12.80
C GLU A 314 7.55 8.64 12.45
N PHE A 315 8.73 9.22 12.22
CA PHE A 315 8.88 10.68 12.29
C PHE A 315 8.20 11.49 11.16
N ASP A 316 7.94 10.85 10.03
CA ASP A 316 7.20 11.48 8.93
C ASP A 316 5.75 10.95 8.82
N GLY A 317 5.32 10.19 9.84
CA GLY A 317 3.94 9.68 9.91
C GLY A 317 3.60 8.47 9.07
N SER A 318 4.61 7.71 8.62
CA SER A 318 4.40 6.48 7.85
C SER A 318 4.48 5.24 8.75
N GLN A 338 0.31 -5.79 24.46
CA GLN A 338 1.76 -5.60 24.38
C GLN A 338 2.34 -5.87 22.97
N PRO A 339 1.91 -5.09 21.96
CA PRO A 339 2.41 -5.28 20.58
C PRO A 339 3.90 -4.96 20.43
N VAL A 340 4.58 -5.72 19.59
CA VAL A 340 6.02 -5.66 19.49
C VAL A 340 6.41 -5.23 18.11
N LYS A 341 7.27 -4.22 18.02
CA LYS A 341 7.92 -3.88 16.77
C LYS A 341 9.40 -4.17 16.81
N VAL A 342 9.89 -4.92 15.82
CA VAL A 342 11.31 -5.14 15.63
C VAL A 342 11.73 -4.26 14.45
N TYR A 343 12.61 -3.30 14.71
CA TYR A 343 13.13 -2.44 13.65
C TYR A 343 14.32 -3.13 12.99
N ALA A 344 14.02 -3.87 11.94
CA ALA A 344 15.04 -4.65 11.23
C ALA A 344 14.50 -5.13 9.89
N ASP A 345 15.44 -5.44 9.01
CA ASP A 345 15.16 -6.09 7.74
C ASP A 345 14.62 -7.48 8.12
N ALA A 346 13.40 -7.76 7.70
CA ALA A 346 12.77 -9.04 7.97
C ALA A 346 13.51 -10.24 7.35
N SER A 347 14.34 -9.99 6.34
CA SER A 347 15.11 -11.06 5.70
C SER A 347 16.10 -11.69 6.69
N LEU A 348 16.54 -10.91 7.68
CA LEU A 348 17.38 -11.42 8.77
C LEU A 348 16.55 -12.02 9.91
N VAL A 349 15.51 -11.30 10.31
CA VAL A 349 14.80 -11.60 11.54
C VAL A 349 13.77 -12.70 11.40
N PHE A 350 13.06 -12.74 10.26
CA PHE A 350 11.90 -13.62 10.19
C PHE A 350 12.25 -15.10 10.26
N PRO A 351 13.31 -15.53 9.56
CA PRO A 351 13.66 -16.94 9.70
C PRO A 351 14.09 -17.34 11.12
N LEU A 352 14.77 -16.43 11.83
CA LEU A 352 15.15 -16.72 13.20
C LEU A 352 13.91 -16.79 14.10
N LEU A 353 12.94 -15.90 13.84
CA LEU A 353 11.69 -15.87 14.58
C LEU A 353 10.91 -17.17 14.38
N VAL A 354 10.84 -17.61 13.12
CA VAL A 354 10.11 -18.85 12.78
C VAL A 354 10.80 -20.08 13.38
N ALA A 355 12.11 -20.09 13.38
CA ALA A 355 12.88 -21.19 13.97
C ALA A 355 12.53 -21.41 15.44
N GLU A 356 12.41 -20.31 16.18
CA GLU A 356 12.15 -20.39 17.60
C GLU A 356 10.67 -20.46 17.95
N THR A 357 9.78 -20.43 16.95
CA THR A 357 8.33 -20.42 17.23
C THR A 357 7.57 -21.52 16.47
N PHE A 358 7.11 -21.23 15.27
CA PHE A 358 6.33 -22.18 14.51
C PHE A 358 7.08 -23.51 14.30
N ALA A 359 8.37 -23.42 13.97
CA ALA A 359 9.16 -24.63 13.70
C ALA A 359 9.32 -25.54 14.92
N GLN A 360 9.23 -24.98 16.13
CA GLN A 360 9.24 -25.81 17.36
C GLN A 360 7.94 -26.61 17.57
N LYS A 361 6.85 -26.20 16.92
CA LYS A 361 5.54 -26.81 17.16
C LYS A 361 5.00 -27.45 15.90
N MET A 362 5.92 -27.79 15.00
CA MET A 362 5.64 -28.35 13.69
C MET A 362 4.72 -29.57 13.76
N ASP A 363 5.04 -30.52 14.64
CA ASP A 363 4.22 -31.71 14.77
C ASP A 363 2.78 -31.43 15.18
N ALA A 364 2.58 -30.45 16.07
CA ALA A 364 1.24 -30.11 16.52
C ALA A 364 0.40 -29.61 15.35
N PHE A 365 1.04 -29.03 14.34
CA PHE A 365 0.34 -28.59 13.13
C PHE A 365 0.24 -29.70 12.07
N MET A 366 1.11 -30.71 12.17
CA MET A 366 0.94 -31.98 11.44
C MET A 366 0.21 -33.03 12.28
N SER B 31 32.05 21.25 -13.85
CA SER B 31 31.83 20.78 -12.45
C SER B 31 31.52 21.95 -11.50
N THR B 32 30.40 21.85 -10.79
CA THR B 32 29.93 22.93 -9.95
C THR B 32 30.56 22.84 -8.56
N GLN B 33 31.00 23.98 -8.05
CA GLN B 33 31.65 24.04 -6.75
C GLN B 33 30.58 24.04 -5.64
N VAL B 34 30.89 23.37 -4.53
CA VAL B 34 30.03 23.40 -3.37
C VAL B 34 30.07 24.77 -2.72
N ARG B 35 28.90 25.35 -2.52
CA ARG B 35 28.79 26.68 -1.94
C ARG B 35 27.39 26.88 -1.36
N GLY B 36 27.32 27.33 -0.11
CA GLY B 36 26.04 27.57 0.53
C GLY B 36 25.63 29.01 0.41
N TYR B 37 24.35 29.29 0.63
CA TYR B 37 23.86 30.68 0.65
C TYR B 37 24.63 31.47 1.70
N ASP B 38 25.11 32.63 1.30
CA ASP B 38 25.79 33.56 2.20
C ASP B 38 24.83 34.61 2.78
N PHE B 39 24.54 34.50 4.08
CA PHE B 39 23.62 35.43 4.75
C PHE B 39 24.16 36.85 4.91
N ASN B 40 25.42 37.10 4.56
CA ASN B 40 25.91 38.47 4.42
C ASN B 40 25.21 39.23 3.27
N ARG B 41 24.54 38.51 2.38
CA ARG B 41 23.67 39.14 1.37
C ARG B 41 22.33 39.63 1.94
N GLY B 42 22.03 39.24 3.19
CA GLY B 42 20.73 39.43 3.78
C GLY B 42 19.91 38.20 3.47
N VAL B 43 18.59 38.36 3.52
CA VAL B 43 17.69 37.25 3.32
C VAL B 43 16.80 37.46 2.11
N ASN B 44 17.22 36.87 0.98
CA ASN B 44 16.35 36.74 -0.18
C ASN B 44 15.96 35.27 -0.33
N TYR B 45 14.68 34.98 -0.16
CA TYR B 45 14.22 33.59 -0.08
C TYR B 45 14.37 32.86 -1.39
N ARG B 46 14.14 33.56 -2.51
CA ARG B 46 14.37 32.96 -3.81
C ARG B 46 15.84 32.54 -3.92
N ALA B 47 16.75 33.45 -3.59
CA ALA B 47 18.17 33.17 -3.68
C ALA B 47 18.58 32.06 -2.70
N LEU B 48 18.04 32.09 -1.50
CA LEU B 48 18.26 31.04 -0.51
C LEU B 48 17.88 29.64 -1.04
N LEU B 49 16.70 29.55 -1.65
CA LEU B 49 16.22 28.27 -2.18
C LEU B 49 17.03 27.81 -3.40
N GLU B 50 17.42 28.73 -4.28
CA GLU B 50 18.30 28.40 -5.41
CA GLU B 50 18.31 28.43 -5.41
C GLU B 50 19.65 27.87 -4.91
N ALA B 51 20.20 28.45 -3.85
CA ALA B 51 21.49 27.99 -3.33
C ALA B 51 21.46 26.55 -2.74
N PHE B 52 20.27 25.97 -2.50
CA PHE B 52 20.20 24.55 -2.14
C PHE B 52 20.90 23.67 -3.18
N GLY B 53 20.75 24.03 -4.45
CA GLY B 53 21.41 23.34 -5.56
C GLY B 53 22.89 23.09 -5.38
N THR B 54 23.62 24.08 -4.86
CA THR B 54 25.06 23.97 -4.66
C THR B 54 25.51 23.67 -3.22
N THR B 55 24.55 23.40 -2.33
CA THR B 55 24.84 23.11 -0.92
C THR B 55 25.25 21.65 -0.66
N GLY B 56 24.72 20.73 -1.46
CA GLY B 56 25.10 19.33 -1.37
C GLY B 56 24.08 18.49 -0.62
N PHE B 57 24.31 17.19 -0.59
CA PHE B 57 23.42 16.23 0.06
C PHE B 57 22.00 16.46 -0.42
N GLN B 58 21.01 16.41 0.45
CA GLN B 58 19.63 16.44 -0.01
C GLN B 58 19.21 17.81 -0.49
N ALA B 59 19.91 18.86 -0.04
CA ALA B 59 19.69 20.20 -0.57
C ALA B 59 19.92 20.22 -2.07
N THR B 60 20.99 19.58 -2.53
CA THR B 60 21.24 19.51 -3.97
C THR B 60 20.13 18.71 -4.69
N ASN B 61 19.67 17.63 -4.07
CA ASN B 61 18.58 16.86 -4.67
C ASN B 61 17.31 17.69 -4.78
N PHE B 62 17.05 18.51 -3.77
CA PHE B 62 15.95 19.45 -3.81
C PHE B 62 16.08 20.34 -5.05
N GLY B 63 17.25 20.90 -5.25
CA GLY B 63 17.51 21.73 -6.43
C GLY B 63 17.24 20.98 -7.72
N ARG B 64 17.72 19.75 -7.79
CA ARG B 64 17.46 18.92 -8.96
C ARG B 64 15.96 18.63 -9.12
N ALA B 65 15.24 18.50 -8.00
CA ALA B 65 13.79 18.31 -8.03
C ALA B 65 13.04 19.51 -8.59
N VAL B 66 13.47 20.71 -8.22
CA VAL B 66 12.92 21.95 -8.77
C VAL B 66 13.11 22.02 -10.30
N GLN B 67 14.33 21.74 -10.77
CA GLN B 67 14.60 21.70 -12.23
C GLN B 67 13.69 20.72 -12.94
N GLN B 68 13.54 19.54 -12.36
CA GLN B 68 12.78 18.46 -12.94
C GLN B 68 11.27 18.79 -13.01
N VAL B 69 10.71 19.33 -11.92
CA VAL B 69 9.31 19.75 -11.91
C VAL B 69 9.09 20.91 -12.88
N ASN B 70 10.00 21.90 -12.88
CA ASN B 70 9.90 23.01 -13.84
C ASN B 70 9.94 22.56 -15.29
N ALA B 71 10.73 21.53 -15.58
CA ALA B 71 10.73 20.94 -16.92
C ALA B 71 9.37 20.33 -17.25
N MET B 72 8.74 19.62 -16.30
CA MET B 72 7.38 19.07 -16.50
C MET B 72 6.39 20.16 -16.86
N ILE B 73 6.45 21.26 -16.10
CA ILE B 73 5.52 22.36 -16.25
C ILE B 73 5.71 23.00 -17.61
N GLU B 74 6.94 23.32 -17.97
CA GLU B 74 7.22 23.92 -19.26
C GLU B 74 6.71 23.03 -20.38
N LYS B 75 6.98 21.74 -20.30
CA LYS B 75 6.45 20.79 -21.28
C LYS B 75 4.90 20.77 -21.31
N LYS B 76 4.27 20.76 -20.13
CA LYS B 76 2.80 20.85 -20.06
C LYS B 76 2.23 22.11 -20.75
N LEU B 77 2.92 23.23 -20.60
CA LEU B 77 2.42 24.51 -21.12
C LEU B 77 2.65 24.70 -22.61
N GLU B 78 3.49 23.88 -23.23
CA GLU B 78 3.77 24.08 -24.65
C GLU B 78 2.63 23.46 -25.48
N PRO B 79 2.22 24.19 -26.54
CA PRO B 79 0.98 23.86 -27.25
C PRO B 79 1.01 22.49 -27.94
N LEU B 80 -0.13 21.82 -27.94
CA LEU B 80 -0.29 20.53 -28.59
C LEU B 80 -0.86 20.81 -29.98
N SER B 81 -0.06 20.53 -31.02
CA SER B 81 -0.39 20.92 -32.39
C SER B 81 -0.99 19.77 -33.20
N HIS B 87 -7.22 11.09 -27.67
CA HIS B 87 -8.23 10.12 -28.06
C HIS B 87 -9.08 9.78 -26.84
N ALA B 88 -10.25 10.42 -26.75
CA ALA B 88 -11.18 10.20 -25.63
C ALA B 88 -11.79 8.80 -25.66
N ASP B 89 -11.85 8.20 -26.85
CA ASP B 89 -12.33 6.80 -26.99
C ASP B 89 -11.37 5.84 -26.31
N LEU B 90 -10.08 6.04 -26.56
CA LEU B 90 -9.04 5.16 -26.02
C LEU B 90 -8.83 5.36 -24.50
N THR B 91 -8.94 6.61 -24.03
CA THR B 91 -8.81 6.90 -22.60
C THR B 91 -10.12 6.75 -21.82
N GLN B 92 -11.26 6.88 -22.50
CA GLN B 92 -12.58 6.93 -21.85
C GLN B 92 -12.65 8.06 -20.80
N SER B 93 -12.00 9.18 -21.11
CA SER B 93 -11.92 10.32 -20.20
C SER B 93 -12.31 11.62 -20.88
N ARG B 94 -12.91 12.51 -20.09
CA ARG B 94 -13.36 13.82 -20.54
C ARG B 94 -12.22 14.87 -20.51
N ARG B 95 -11.14 14.59 -19.79
CA ARG B 95 -10.07 15.58 -19.63
C ARG B 95 -9.21 15.68 -20.90
N PRO B 96 -9.04 16.90 -21.45
CA PRO B 96 -8.20 17.00 -22.64
C PRO B 96 -6.72 16.69 -22.38
N LEU B 97 -6.09 16.00 -23.33
CA LEU B 97 -4.66 15.79 -23.36
C LEU B 97 -3.90 17.12 -23.36
N THR B 98 -2.84 17.22 -22.56
CA THR B 98 -1.85 18.28 -22.74
C THR B 98 -0.53 17.64 -23.18
N SER B 99 0.49 18.47 -23.39
CA SER B 99 1.79 17.99 -23.79
C SER B 99 2.56 17.25 -22.65
N CYS B 100 2.08 17.32 -21.41
CA CYS B 100 2.67 16.49 -20.34
C CYS B 100 1.63 16.13 -19.29
N THR B 101 1.39 14.84 -19.15
CA THR B 101 0.46 14.34 -18.16
C THR B 101 1.19 14.13 -16.84
N ILE B 102 0.77 14.84 -15.81
CA ILE B 102 1.42 14.78 -14.51
C ILE B 102 0.59 13.96 -13.52
N PHE B 103 1.24 12.92 -12.98
CA PHE B 103 0.65 12.05 -11.99
C PHE B 103 1.17 12.48 -10.63
N LEU B 104 0.27 12.83 -9.72
CA LEU B 104 0.63 13.19 -8.37
C LEU B 104 0.19 12.06 -7.41
N GLY B 105 1.18 11.38 -6.83
CA GLY B 105 0.97 10.31 -5.88
C GLY B 105 1.35 10.73 -4.47
N TYR B 106 0.59 10.26 -3.49
CA TYR B 106 0.83 10.62 -2.09
C TYR B 106 0.18 9.62 -1.14
N THR B 107 0.82 9.42 -0.01
CA THR B 107 0.34 8.54 1.04
C THR B 107 -0.64 9.32 1.90
N SER B 108 -1.50 8.57 2.58
CA SER B 108 -2.59 9.16 3.35
CA SER B 108 -2.60 9.12 3.39
C SER B 108 -2.13 10.06 4.48
N ASN B 109 -0.98 9.76 5.09
CA ASN B 109 -0.44 10.59 6.15
C ASN B 109 -0.23 12.05 5.69
N LEU B 110 0.15 12.24 4.43
CA LEU B 110 0.31 13.59 3.88
C LEU B 110 -1.01 14.36 3.81
N ILE B 111 -2.13 13.64 3.59
CA ILE B 111 -3.45 14.26 3.62
C ILE B 111 -3.87 14.60 5.05
N SER B 112 -3.44 13.81 6.04
CA SER B 112 -3.71 14.15 7.44
C SER B 112 -2.94 15.42 7.81
N SER B 113 -1.74 15.57 7.27
CA SER B 113 -0.93 16.79 7.47
C SER B 113 -1.49 17.98 6.69
N GLY B 114 -0.81 19.12 6.83
CA GLY B 114 -1.14 20.34 6.11
C GLY B 114 -0.78 20.29 4.65
N ILE B 115 -0.06 19.26 4.23
CA ILE B 115 0.26 19.06 2.79
C ILE B 115 -1.03 18.84 2.01
N ARG B 116 -2.11 18.49 2.71
CA ARG B 116 -3.46 18.48 2.13
C ARG B 116 -3.78 19.79 1.42
N GLU B 117 -3.40 20.92 2.02
CA GLU B 117 -3.61 22.25 1.41
C GLU B 117 -2.78 22.45 0.14
N THR B 118 -1.55 21.96 0.18
CA THR B 118 -0.63 22.06 -0.95
C THR B 118 -1.17 21.28 -2.12
N ILE B 119 -1.58 20.04 -1.86
CA ILE B 119 -2.17 19.18 -2.87
C ILE B 119 -3.49 19.78 -3.40
N ARG B 120 -4.34 20.23 -2.49
CA ARG B 120 -5.59 20.86 -2.91
C ARG B 120 -5.37 22.00 -3.90
N TYR B 121 -4.39 22.86 -3.61
CA TYR B 121 -4.06 24.00 -4.48
C TYR B 121 -3.68 23.54 -5.88
N LEU B 122 -2.83 22.52 -5.98
CA LEU B 122 -2.42 22.02 -7.30
C LEU B 122 -3.63 21.49 -8.08
N VAL B 123 -4.54 20.83 -7.35
CA VAL B 123 -5.71 20.22 -7.94
C VAL B 123 -6.71 21.29 -8.35
N GLN B 124 -6.97 22.22 -7.43
CA GLN B 124 -7.79 23.39 -7.69
C GLN B 124 -7.46 24.11 -9.02
N HIS B 125 -6.18 24.28 -9.32
CA HIS B 125 -5.77 25.02 -10.52
C HIS B 125 -5.36 24.13 -11.68
N ASN B 126 -5.75 22.86 -11.66
CA ASN B 126 -5.52 21.96 -12.78
C ASN B 126 -4.08 21.78 -13.17
N MET B 127 -3.19 21.80 -12.21
CA MET B 127 -1.76 21.76 -12.49
C MET B 127 -1.27 20.33 -12.59
N VAL B 128 -2.08 19.37 -12.12
CA VAL B 128 -1.78 17.95 -12.30
C VAL B 128 -2.98 17.25 -12.92
N ASP B 129 -2.78 16.04 -13.46
CA ASP B 129 -3.79 15.37 -14.26
C ASP B 129 -4.38 14.12 -13.64
N VAL B 130 -3.64 13.48 -12.74
CA VAL B 130 -4.08 12.23 -12.13
C VAL B 130 -3.57 12.18 -10.71
N LEU B 131 -4.45 11.79 -9.80
CA LEU B 131 -4.09 11.57 -8.41
C LEU B 131 -4.06 10.07 -8.11
N VAL B 132 -3.09 9.65 -7.28
CA VAL B 132 -3.01 8.29 -6.78
C VAL B 132 -2.69 8.35 -5.31
N THR B 133 -3.40 7.58 -4.49
CA THR B 133 -3.17 7.58 -3.08
C THR B 133 -3.32 6.20 -2.46
N THR B 134 -3.20 6.14 -1.14
CA THR B 134 -3.17 4.90 -0.38
C THR B 134 -4.29 4.89 0.64
N ALA B 135 -4.44 3.78 1.36
CA ALA B 135 -5.54 3.61 2.32
C ALA B 135 -5.61 4.79 3.29
N GLY B 136 -6.79 5.42 3.42
CA GLY B 136 -6.95 6.57 4.30
C GLY B 136 -6.88 7.91 3.57
N GLY B 137 -6.25 7.92 2.40
CA GLY B 137 -5.96 9.15 1.67
C GLY B 137 -7.16 9.94 1.16
N VAL B 138 -8.30 9.26 1.03
CA VAL B 138 -9.55 9.91 0.66
C VAL B 138 -10.29 10.47 1.87
N GLU B 139 -10.62 9.60 2.83
CA GLU B 139 -11.42 10.03 3.98
C GLU B 139 -10.72 11.08 4.86
N GLU B 140 -9.40 11.07 4.96
CA GLU B 140 -8.73 12.07 5.80
C GLU B 140 -8.93 13.51 5.28
N ASP B 141 -9.09 13.66 3.97
CA ASP B 141 -9.45 14.92 3.38
C ASP B 141 -10.91 15.31 3.65
N LEU B 142 -11.81 14.36 3.54
CA LEU B 142 -13.25 14.65 3.64
C LEU B 142 -13.63 14.99 5.07
N ILE B 143 -13.05 14.24 6.01
CA ILE B 143 -13.27 14.45 7.42
C ILE B 143 -12.80 15.83 7.90
N LYS B 144 -11.75 16.37 7.29
CA LYS B 144 -11.28 17.72 7.65
C LYS B 144 -12.30 18.78 7.27
N CYS B 145 -13.24 18.46 6.38
CA CYS B 145 -14.31 19.40 6.05
C CYS B 145 -15.40 19.40 7.11
N LEU B 146 -15.47 18.34 7.91
CA LEU B 146 -16.49 18.22 8.96
C LEU B 146 -15.94 18.62 10.31
N ALA B 147 -14.65 18.40 10.55
CA ALA B 147 -14.05 18.72 11.84
C ALA B 147 -12.53 18.73 11.70
N PRO B 148 -11.85 19.52 12.54
CA PRO B 148 -10.42 19.68 12.37
C PRO B 148 -9.57 18.53 12.91
N THR B 149 -8.41 18.33 12.28
CA THR B 149 -7.31 17.57 12.85
C THR B 149 -6.44 18.53 13.69
N TYR B 150 -5.87 18.05 14.79
CA TYR B 150 -5.11 18.89 15.71
C TYR B 150 -3.66 18.48 15.81
N LEU B 151 -2.82 19.42 16.25
CA LEU B 151 -1.42 19.13 16.53
C LEU B 151 -1.27 18.59 17.94
N GLY B 152 -0.63 17.43 18.06
CA GLY B 152 -0.25 16.88 19.36
C GLY B 152 1.27 16.81 19.43
N GLU B 153 1.79 15.64 19.82
CA GLU B 153 3.23 15.41 19.95
C GLU B 153 3.56 13.96 19.54
N PHE B 154 4.82 13.70 19.17
CA PHE B 154 5.29 12.32 18.96
C PHE B 154 5.51 11.66 20.32
N LEU B 161 -4.78 8.40 25.11
CA LEU B 161 -5.22 8.60 23.72
C LEU B 161 -6.48 7.79 23.42
N ARG B 162 -6.37 6.46 23.56
CA ARG B 162 -7.49 5.55 23.30
C ARG B 162 -8.65 5.69 24.30
N GLU B 163 -8.35 6.09 25.53
CA GLU B 163 -9.36 6.33 26.57
C GLU B 163 -10.11 7.65 26.36
N ASN B 164 -9.44 8.61 25.70
CA ASN B 164 -10.06 9.89 25.31
C ASN B 164 -10.69 9.85 23.91
N GLY B 165 -10.41 8.79 23.15
CA GLY B 165 -10.89 8.66 21.78
C GLY B 165 -10.14 9.58 20.82
N ILE B 166 -8.91 9.19 20.49
CA ILE B 166 -8.02 9.97 19.62
C ILE B 166 -7.19 9.02 18.74
N ASN B 167 -7.30 9.16 17.43
CA ASN B 167 -6.41 8.45 16.49
C ASN B 167 -5.14 9.27 16.23
N ARG B 168 -4.00 8.80 16.75
CA ARG B 168 -2.72 9.49 16.59
C ARG B 168 -2.05 9.10 15.30
N ILE B 169 -1.60 10.10 14.55
CA ILE B 169 -0.89 9.89 13.30
C ILE B 169 0.35 10.76 13.40
N GLY B 170 1.46 10.16 13.85
CA GLY B 170 2.68 10.91 14.10
C GLY B 170 2.41 11.88 15.23
N ASN B 171 2.62 13.17 14.99
CA ASN B 171 2.29 14.21 15.98
C ASN B 171 0.94 14.87 15.71
N LEU B 172 0.10 14.20 14.93
CA LEU B 172 -1.24 14.67 14.63
C LEU B 172 -2.28 13.86 15.41
N LEU B 173 -3.37 14.51 15.79
CA LEU B 173 -4.46 13.92 16.57
C LEU B 173 -5.78 14.12 15.83
N VAL B 174 -6.48 13.02 15.58
CA VAL B 174 -7.83 13.06 15.01
C VAL B 174 -8.80 12.49 16.04
N PRO B 175 -9.65 13.33 16.64
CA PRO B 175 -10.67 12.81 17.57
C PRO B 175 -11.53 11.78 16.87
N ASN B 176 -11.92 10.73 17.57
CA ASN B 176 -12.80 9.68 17.02
C ASN B 176 -14.16 10.19 16.57
N GLU B 177 -14.62 11.26 17.23
CA GLU B 177 -15.87 11.93 16.88
C GLU B 177 -15.86 12.46 15.44
N ASN B 178 -14.68 12.83 14.94
CA ASN B 178 -14.53 13.20 13.54
C ASN B 178 -14.99 12.05 12.61
N TYR B 179 -14.58 10.82 12.93
CA TYR B 179 -14.98 9.65 12.13
C TYR B 179 -16.47 9.33 12.26
N CYS B 180 -17.05 9.55 13.45
CA CYS B 180 -18.49 9.38 13.66
C CYS B 180 -19.30 10.38 12.83
N LYS B 181 -18.85 11.63 12.79
CA LYS B 181 -19.50 12.65 11.94
C LYS B 181 -19.43 12.28 10.48
N PHE B 182 -18.28 11.78 10.06
CA PHE B 182 -18.08 11.34 8.70
C PHE B 182 -18.98 10.17 8.37
N GLU B 183 -19.10 9.23 9.31
CA GLU B 183 -19.95 8.07 9.08
C GLU B 183 -21.39 8.50 8.81
N ASP B 184 -21.90 9.41 9.63
CA ASP B 184 -23.28 9.86 9.48
C ASP B 184 -23.47 10.58 8.15
N TRP B 185 -22.52 11.42 7.78
CA TRP B 185 -22.53 12.07 6.47
C TRP B 185 -22.52 11.05 5.32
N LEU B 186 -21.75 9.98 5.49
CA LEU B 186 -21.52 9.02 4.41
C LEU B 186 -22.69 8.08 4.12
N MET B 187 -23.37 7.59 5.16
CA MET B 187 -24.38 6.54 4.96
C MET B 187 -25.40 6.86 3.85
N PRO B 188 -26.03 8.05 3.87
CA PRO B 188 -27.06 8.28 2.84
C PRO B 188 -26.48 8.38 1.43
N ILE B 189 -25.22 8.77 1.31
CA ILE B 189 -24.56 8.78 0.00
C ILE B 189 -24.36 7.35 -0.49
N LEU B 190 -23.91 6.46 0.39
CA LEU B 190 -23.75 5.05 0.02
C LEU B 190 -25.11 4.45 -0.40
N ASP B 191 -26.19 4.79 0.31
CA ASP B 191 -27.55 4.36 -0.08
C ASP B 191 -27.87 4.77 -1.52
N GLN B 192 -27.62 6.04 -1.86
CA GLN B 192 -27.85 6.55 -3.22
C GLN B 192 -27.02 5.79 -4.22
N MET B 193 -25.77 5.50 -3.86
CA MET B 193 -24.85 4.81 -4.76
C MET B 193 -25.33 3.39 -5.08
N VAL B 194 -25.78 2.67 -4.06
CA VAL B 194 -26.31 1.31 -4.29
C VAL B 194 -27.54 1.37 -5.21
N MET B 195 -28.45 2.31 -4.94
CA MET B 195 -29.66 2.44 -5.73
C MET B 195 -29.34 2.79 -7.19
N GLU B 196 -28.40 3.71 -7.39
CA GLU B 196 -28.01 4.10 -8.75
C GLU B 196 -27.35 2.94 -9.50
N GLN B 197 -26.64 2.10 -8.77
CA GLN B 197 -26.00 0.94 -9.35
C GLN B 197 -27.05 -0.06 -9.85
N ASN B 198 -28.03 -0.36 -9.00
CA ASN B 198 -29.01 -1.38 -9.32
C ASN B 198 -30.10 -0.93 -10.26
N THR B 199 -30.30 0.38 -10.40
CA THR B 199 -31.38 0.90 -11.26
C THR B 199 -30.96 1.83 -12.39
N GLU B 200 -29.79 2.47 -12.30
CA GLU B 200 -29.32 3.34 -13.39
C GLU B 200 -28.08 2.76 -14.05
N GLY B 201 -27.83 1.49 -13.81
CA GLY B 201 -26.68 0.79 -14.35
C GLY B 201 -25.28 1.33 -14.05
N VAL B 202 -25.14 2.20 -13.04
CA VAL B 202 -23.80 2.73 -12.71
C VAL B 202 -22.89 1.58 -12.28
N LYS B 203 -21.70 1.56 -12.85
CA LYS B 203 -20.69 0.55 -12.51
C LYS B 203 -19.62 1.23 -11.67
N TRP B 204 -19.70 1.08 -10.36
CA TRP B 204 -18.81 1.82 -9.47
C TRP B 204 -17.40 1.23 -9.46
N THR B 205 -16.43 2.13 -9.30
CA THR B 205 -15.00 1.81 -9.13
C THR B 205 -14.52 2.76 -8.04
N PRO B 206 -13.32 2.52 -7.50
CA PRO B 206 -12.83 3.49 -6.51
C PRO B 206 -12.79 4.92 -7.03
N SER B 207 -12.28 5.13 -8.25
CA SER B 207 -12.21 6.51 -8.79
C SER B 207 -13.58 7.20 -8.89
N LYS B 208 -14.60 6.48 -9.36
CA LYS B 208 -15.95 7.07 -9.47
C LYS B 208 -16.55 7.37 -8.10
N MET B 209 -16.27 6.50 -7.13
CA MET B 209 -16.70 6.75 -5.75
C MET B 209 -16.03 8.02 -5.19
N ILE B 210 -14.73 8.13 -5.40
CA ILE B 210 -13.99 9.29 -4.89
C ILE B 210 -14.53 10.55 -5.50
N ALA B 211 -14.83 10.53 -6.79
CA ALA B 211 -15.43 11.69 -7.43
C ALA B 211 -16.77 12.07 -6.83
N ARG B 212 -17.61 11.07 -6.57
CA ARG B 212 -18.92 11.30 -5.98
C ARG B 212 -18.78 11.90 -4.58
N LEU B 213 -17.86 11.34 -3.79
CA LEU B 213 -17.64 11.86 -2.44
C LEU B 213 -17.16 13.31 -2.44
N GLY B 214 -16.28 13.66 -3.38
CA GLY B 214 -15.82 15.05 -3.52
C GLY B 214 -16.92 16.02 -3.95
N LYS B 215 -17.80 15.56 -4.83
CA LYS B 215 -18.96 16.36 -5.23
C LYS B 215 -19.91 16.55 -4.02
N GLU B 216 -20.15 15.47 -3.29
CA GLU B 216 -21.04 15.54 -2.13
C GLU B 216 -20.51 16.46 -1.03
N ILE B 217 -19.21 16.42 -0.75
CA ILE B 217 -18.64 17.23 0.34
C ILE B 217 -18.78 18.71 0.01
N ASN B 218 -18.70 19.05 -1.28
CA ASN B 218 -19.09 20.37 -1.76
C ASN B 218 -18.43 21.48 -0.97
N ASN B 219 -17.12 21.40 -0.86
CA ASN B 219 -16.38 22.28 0.02
C ASN B 219 -15.04 22.57 -0.61
N PRO B 220 -14.72 23.86 -0.86
CA PRO B 220 -13.52 24.24 -1.60
C PRO B 220 -12.19 24.02 -0.86
N GLU B 221 -12.24 23.52 0.36
CA GLU B 221 -11.03 23.11 1.05
C GLU B 221 -10.64 21.66 0.76
N SER B 222 -11.55 20.90 0.14
CA SER B 222 -11.34 19.49 -0.16
C SER B 222 -10.59 19.26 -1.48
N VAL B 223 -9.54 18.45 -1.41
CA VAL B 223 -8.81 17.97 -2.59
C VAL B 223 -9.77 17.32 -3.57
N TYR B 224 -10.67 16.47 -3.06
CA TYR B 224 -11.49 15.61 -3.90
C TYR B 224 -12.68 16.34 -4.49
N TYR B 225 -13.16 17.35 -3.78
CA TYR B 225 -14.09 18.32 -4.38
C TYR B 225 -13.48 18.97 -5.64
N TRP B 226 -12.27 19.50 -5.50
CA TRP B 226 -11.63 20.13 -6.65
C TRP B 226 -11.28 19.12 -7.72
N ALA B 227 -10.89 17.92 -7.32
CA ALA B 227 -10.49 16.92 -8.34
C ALA B 227 -11.66 16.57 -9.24
N GLN B 228 -12.83 16.31 -8.67
CA GLN B 228 -13.98 15.99 -9.52
C GLN B 228 -14.47 17.17 -10.34
N LYS B 229 -14.45 18.36 -9.75
CA LYS B 229 -14.82 19.57 -10.48
C LYS B 229 -13.96 19.77 -11.71
N ASN B 230 -12.67 19.45 -11.62
CA ASN B 230 -11.71 19.64 -12.71
C ASN B 230 -11.41 18.40 -13.54
N HIS B 231 -12.18 17.34 -13.31
CA HIS B 231 -12.06 16.07 -14.02
C HIS B 231 -10.67 15.47 -13.91
N ILE B 232 -10.11 15.55 -12.72
CA ILE B 232 -8.85 14.90 -12.40
C ILE B 232 -9.20 13.61 -11.67
N PRO B 233 -8.92 12.45 -12.28
CA PRO B 233 -9.35 11.19 -11.65
C PRO B 233 -8.47 10.85 -10.45
N VAL B 234 -9.03 10.11 -9.49
CA VAL B 234 -8.29 9.68 -8.32
C VAL B 234 -8.32 8.16 -8.28
N PHE B 235 -7.14 7.54 -8.23
CA PHE B 235 -7.06 6.09 -8.15
C PHE B 235 -6.56 5.65 -6.77
N SER B 236 -7.24 4.65 -6.21
CA SER B 236 -6.93 4.13 -4.89
C SER B 236 -7.56 2.75 -4.69
N PRO B 237 -6.91 1.70 -5.18
CA PRO B 237 -7.38 0.35 -4.98
C PRO B 237 -7.53 -0.04 -3.48
N ALA B 238 -6.71 0.59 -2.64
CA ALA B 238 -6.70 0.36 -1.21
C ALA B 238 -7.72 1.26 -0.50
N LEU B 239 -8.67 1.80 -1.25
CA LEU B 239 -9.66 2.72 -0.74
C LEU B 239 -10.37 2.20 0.52
N THR B 240 -10.61 0.89 0.59
CA THR B 240 -11.40 0.33 1.67
C THR B 240 -10.58 -0.36 2.76
N ASP B 241 -9.26 -0.16 2.80
CA ASP B 241 -8.47 -0.89 3.78
C ASP B 241 -8.57 -0.31 5.20
N GLY B 242 -8.93 0.97 5.29
CA GLY B 242 -9.02 1.68 6.58
C GLY B 242 -10.43 2.03 7.01
N SER B 243 -10.59 3.23 7.58
CA SER B 243 -11.85 3.64 8.20
C SER B 243 -13.01 3.73 7.24
N LEU B 244 -12.76 4.30 6.07
CA LEU B 244 -13.78 4.38 5.05
C LEU B 244 -14.26 2.98 4.68
N GLY B 245 -13.33 2.04 4.55
CA GLY B 245 -13.71 0.65 4.33
C GLY B 245 -14.54 0.06 5.48
N ASP B 246 -14.13 0.30 6.72
CA ASP B 246 -14.90 -0.14 7.89
C ASP B 246 -16.37 0.29 7.74
N MET B 247 -16.58 1.53 7.34
CA MET B 247 -17.91 2.11 7.23
C MET B 247 -18.69 1.50 6.08
N ILE B 248 -18.02 1.31 4.94
CA ILE B 248 -18.60 0.64 3.79
C ILE B 248 -18.98 -0.80 4.16
N PHE B 249 -18.13 -1.47 4.92
CA PHE B 249 -18.37 -2.84 5.37
C PHE B 249 -19.63 -2.90 6.23
N PHE B 250 -19.73 -2.04 7.23
CA PHE B 250 -20.92 -2.03 8.10
C PHE B 250 -22.14 -1.61 7.29
N HIS B 251 -21.98 -0.65 6.39
CA HIS B 251 -23.09 -0.22 5.58
C HIS B 251 -23.65 -1.37 4.74
N SER B 252 -22.76 -2.27 4.30
CA SER B 252 -23.13 -3.36 3.40
C SER B 252 -24.06 -4.38 4.03
N TYR B 253 -24.14 -4.43 5.36
CA TYR B 253 -25.14 -5.28 6.02
C TYR B 253 -26.48 -4.57 6.16
N LYS B 254 -26.44 -3.25 6.30
CA LYS B 254 -27.67 -2.44 6.34
C LYS B 254 -28.28 -2.27 4.95
N ASN B 255 -27.44 -2.30 3.91
CA ASN B 255 -27.87 -2.07 2.53
C ASN B 255 -26.94 -2.82 1.58
N PRO B 256 -27.12 -4.14 1.45
CA PRO B 256 -26.22 -4.96 0.61
C PRO B 256 -26.26 -4.61 -0.85
N GLY B 257 -25.16 -4.88 -1.55
CA GLY B 257 -25.13 -4.81 -3.01
C GLY B 257 -24.03 -3.99 -3.67
N LEU B 258 -23.38 -3.08 -2.94
CA LEU B 258 -22.33 -2.28 -3.56
C LEU B 258 -21.18 -3.12 -4.12
N VAL B 259 -20.86 -2.89 -5.39
CA VAL B 259 -19.69 -3.47 -6.05
C VAL B 259 -18.69 -2.35 -6.41
N LEU B 260 -17.41 -2.57 -6.08
CA LEU B 260 -16.34 -1.65 -6.48
C LEU B 260 -15.32 -2.41 -7.32
N ASP B 261 -15.35 -2.15 -8.62
CA ASP B 261 -14.49 -2.87 -9.56
C ASP B 261 -13.18 -2.14 -9.70
N ILE B 262 -12.07 -2.87 -9.64
CA ILE B 262 -10.77 -2.27 -9.85
C ILE B 262 -10.27 -2.40 -11.30
N VAL B 263 -10.88 -3.26 -12.10
CA VAL B 263 -10.38 -3.49 -13.46
C VAL B 263 -10.65 -2.31 -14.40
N GLU B 264 -11.82 -1.69 -14.26
CA GLU B 264 -12.15 -0.51 -15.04
C GLU B 264 -11.20 0.63 -14.66
N ASP B 265 -10.90 0.77 -13.37
CA ASP B 265 -9.88 1.76 -12.95
C ASP B 265 -8.49 1.44 -13.47
N LEU B 266 -8.14 0.16 -13.51
CA LEU B 266 -6.87 -0.29 -14.10
C LEU B 266 -6.72 0.22 -15.54
N ARG B 267 -7.80 0.14 -16.31
CA ARG B 267 -7.79 0.61 -17.71
C ARG B 267 -7.65 2.11 -17.79
N LEU B 268 -8.42 2.82 -16.96
CA LEU B 268 -8.39 4.26 -16.95
C LEU B 268 -7.01 4.80 -16.63
N ILE B 269 -6.38 4.31 -15.56
CA ILE B 269 -5.06 4.81 -15.19
C ILE B 269 -3.98 4.45 -16.20
N ASN B 270 -3.97 3.19 -16.67
CA ASN B 270 -2.99 2.81 -17.70
C ASN B 270 -3.19 3.51 -19.06
N THR B 271 -4.44 3.78 -19.47
CA THR B 271 -4.66 4.54 -20.70
C THR B 271 -4.15 5.99 -20.56
N GLN B 272 -4.28 6.57 -19.36
CA GLN B 272 -3.68 7.89 -19.12
C GLN B 272 -2.19 7.89 -19.38
N ALA B 273 -1.52 6.84 -18.95
CA ALA B 273 -0.07 6.76 -19.09
C ALA B 273 0.30 6.47 -20.54
N ILE B 274 -0.40 5.50 -21.15
CA ILE B 274 -0.08 5.04 -22.49
C ILE B 274 -0.28 6.11 -23.57
N PHE B 275 -1.34 6.91 -23.45
CA PHE B 275 -1.67 7.92 -24.44
C PHE B 275 -1.20 9.31 -24.06
N ALA B 276 -0.30 9.40 -23.08
CA ALA B 276 0.36 10.67 -22.77
C ALA B 276 1.41 10.97 -23.84
N LYS B 277 1.57 12.23 -24.20
CA LYS B 277 2.67 12.65 -25.06
C LYS B 277 3.96 12.58 -24.26
N CYS B 278 3.86 13.06 -23.04
CA CYS B 278 4.96 13.01 -22.08
CA CYS B 278 4.95 13.08 -22.08
C CYS B 278 4.33 12.79 -20.71
N THR B 279 5.07 12.14 -19.83
CA THR B 279 4.57 11.88 -18.49
C THR B 279 5.54 12.43 -17.44
N GLY B 280 4.97 13.08 -16.43
CA GLY B 280 5.71 13.49 -15.25
C GLY B 280 5.14 12.79 -14.03
N MET B 281 6.02 12.42 -13.10
CA MET B 281 5.61 11.75 -11.84
C MET B 281 6.14 12.54 -10.66
N ILE B 282 5.26 12.86 -9.73
CA ILE B 282 5.65 13.44 -8.46
C ILE B 282 5.01 12.55 -7.39
N ILE B 283 5.85 11.84 -6.65
CA ILE B 283 5.38 10.81 -5.73
C ILE B 283 5.89 11.12 -4.32
N LEU B 284 4.96 11.30 -3.39
CA LEU B 284 5.28 11.70 -2.02
C LEU B 284 4.98 10.55 -1.06
N GLY B 285 6.00 10.14 -0.29
CA GLY B 285 5.93 8.93 0.56
C GLY B 285 6.14 7.70 -0.31
N GLY B 286 6.32 6.55 0.29
CA GLY B 286 6.57 5.34 -0.49
C GLY B 286 5.35 4.46 -0.66
N GLY B 287 5.46 3.49 -1.56
CA GLY B 287 4.42 2.48 -1.77
C GLY B 287 3.17 2.96 -2.50
N VAL B 288 3.29 4.01 -3.32
CA VAL B 288 2.12 4.55 -4.01
C VAL B 288 1.96 4.00 -5.41
N VAL B 289 3.02 4.03 -6.22
CA VAL B 289 2.95 3.53 -7.59
C VAL B 289 3.95 2.40 -7.84
N LYS B 290 3.63 1.56 -8.82
CA LYS B 290 4.46 0.45 -9.29
C LYS B 290 4.78 0.63 -10.79
N GLY B 302 7.86 4.88 -20.46
CA GLY B 302 8.65 5.34 -19.33
C GLY B 302 8.35 6.78 -18.93
N ALA B 303 8.47 7.07 -17.63
CA ALA B 303 8.32 8.44 -17.14
C ALA B 303 9.44 9.30 -17.71
N ASP B 304 9.09 10.45 -18.26
CA ASP B 304 10.08 11.34 -18.85
C ASP B 304 10.66 12.25 -17.79
N TYR B 305 9.87 12.57 -16.76
CA TYR B 305 10.34 13.28 -15.58
C TYR B 305 9.73 12.62 -14.36
N ALA B 306 10.51 12.55 -13.27
CA ALA B 306 10.10 11.88 -12.06
C ALA B 306 10.81 12.50 -10.85
N VAL B 307 10.01 12.87 -9.85
CA VAL B 307 10.51 13.30 -8.56
C VAL B 307 9.83 12.47 -7.46
N TYR B 308 10.63 11.90 -6.59
CA TYR B 308 10.15 11.15 -5.43
C TYR B 308 10.65 11.83 -4.18
N ILE B 309 9.77 11.98 -3.20
CA ILE B 309 10.13 12.56 -1.91
C ILE B 309 9.62 11.63 -0.82
N ASN B 310 10.55 11.01 -0.11
CA ASN B 310 10.20 10.13 1.01
C ASN B 310 11.43 9.83 1.84
N THR B 311 11.21 9.17 2.98
CA THR B 311 12.28 8.70 3.85
C THR B 311 12.33 7.16 3.92
N ALA B 312 11.84 6.45 2.93
CA ALA B 312 12.00 4.98 2.89
C ALA B 312 13.44 4.67 2.51
N GLN B 313 13.93 3.52 2.95
CA GLN B 313 15.29 3.09 2.65
C GLN B 313 15.34 2.05 1.53
N GLU B 314 16.49 1.97 0.86
CA GLU B 314 16.69 1.04 -0.24
C GLU B 314 17.19 -0.34 0.24
N PHE B 315 17.72 -0.40 1.47
CA PHE B 315 18.55 -1.54 1.91
C PHE B 315 17.78 -2.83 2.24
N ASP B 316 16.52 -2.73 2.64
CA ASP B 316 15.66 -3.91 2.79
C ASP B 316 14.70 -4.10 1.60
N GLY B 317 14.97 -3.37 0.51
CA GLY B 317 14.19 -3.49 -0.71
C GLY B 317 12.98 -2.58 -0.72
N GLN B 338 16.91 11.23 -15.97
CA GLN B 338 17.40 11.25 -14.58
C GLN B 338 16.26 11.50 -13.57
N PRO B 339 15.67 10.41 -13.01
CA PRO B 339 14.70 10.58 -11.90
C PRO B 339 15.37 11.08 -10.62
N VAL B 340 14.69 11.94 -9.88
CA VAL B 340 15.25 12.59 -8.69
C VAL B 340 14.60 12.08 -7.42
N LYS B 341 15.39 11.58 -6.49
CA LYS B 341 14.87 11.27 -5.15
C LYS B 341 15.40 12.28 -4.13
N VAL B 342 14.48 12.90 -3.38
CA VAL B 342 14.84 13.73 -2.24
C VAL B 342 14.49 12.95 -0.97
N TYR B 343 15.51 12.57 -0.19
CA TYR B 343 15.31 11.81 1.04
C TYR B 343 14.98 12.80 2.15
N ALA B 344 13.68 13.03 2.33
CA ALA B 344 13.19 14.02 3.29
C ALA B 344 11.70 13.83 3.57
N ASP B 345 11.28 14.32 4.73
CA ASP B 345 9.87 14.44 5.08
C ASP B 345 9.23 15.43 4.10
N ALA B 346 8.29 14.96 3.31
CA ALA B 346 7.58 15.81 2.36
C ALA B 346 6.83 16.98 2.99
N SER B 347 6.52 16.92 4.29
CA SER B 347 5.86 18.03 4.97
C SER B 347 6.72 19.28 4.99
N LEU B 348 8.04 19.09 5.00
CA LEU B 348 9.01 20.19 4.85
C LEU B 348 9.28 20.60 3.40
N VAL B 349 9.54 19.61 2.57
CA VAL B 349 10.05 19.82 1.24
C VAL B 349 8.97 20.19 0.23
N PHE B 350 7.79 19.58 0.30
CA PHE B 350 6.83 19.75 -0.79
C PHE B 350 6.36 21.21 -0.94
N PRO B 351 6.08 21.89 0.17
CA PRO B 351 5.69 23.28 -0.02
C PRO B 351 6.81 24.16 -0.60
N LEU B 352 8.06 23.88 -0.27
CA LEU B 352 9.19 24.60 -0.88
C LEU B 352 9.27 24.30 -2.37
N LEU B 353 9.07 23.03 -2.74
CA LEU B 353 9.07 22.64 -4.15
C LEU B 353 7.96 23.35 -4.91
N VAL B 354 6.76 23.35 -4.34
CA VAL B 354 5.63 23.99 -5.01
C VAL B 354 5.88 25.49 -5.19
N ALA B 355 6.49 26.11 -4.18
CA ALA B 355 6.74 27.54 -4.19
C ALA B 355 7.64 27.95 -5.34
N GLU B 356 8.61 27.10 -5.65
CA GLU B 356 9.59 27.43 -6.68
C GLU B 356 9.22 26.91 -8.06
N THR B 357 8.11 26.18 -8.15
CA THR B 357 7.71 25.60 -9.43
C THR B 357 6.28 26.00 -9.81
N PHE B 358 5.29 25.17 -9.47
CA PHE B 358 3.90 25.44 -9.86
C PHE B 358 3.43 26.83 -9.48
N ALA B 359 3.77 27.28 -8.29
CA ALA B 359 3.27 28.56 -7.80
C ALA B 359 3.90 29.75 -8.53
N GLN B 360 5.06 29.54 -9.17
CA GLN B 360 5.68 30.56 -10.01
C GLN B 360 4.95 30.74 -11.33
N LYS B 361 4.18 29.72 -11.74
CA LYS B 361 3.51 29.70 -13.05
C LYS B 361 1.99 29.77 -12.93
N MET B 362 1.51 30.25 -11.79
CA MET B 362 0.07 30.33 -11.51
C MET B 362 -0.69 30.98 -12.65
N ASP B 363 -0.14 32.09 -13.16
CA ASP B 363 -0.75 32.83 -14.25
C ASP B 363 -1.03 31.96 -15.47
N ALA B 364 -0.04 31.15 -15.86
CA ALA B 364 -0.16 30.28 -17.04
C ALA B 364 -1.26 29.24 -16.89
N PHE B 365 -1.57 28.89 -15.65
CA PHE B 365 -2.76 28.11 -15.39
C PHE B 365 -3.87 29.11 -15.07
#